data_3R4V
#
_entry.id   3R4V
#
_cell.length_a   47.065
_cell.length_b   75.935
_cell.length_c   92.798
_cell.angle_alpha   90.00
_cell.angle_beta   90.00
_cell.angle_gamma   90.00
#
_symmetry.space_group_name_H-M   'P 21 21 21'
#
loop_
_entity.id
_entity.type
_entity.pdbx_description
1 polymer 'Putative uncharacterized protein'
2 non-polymer "GUANOSINE-5'-DIPHOSPHATE"
3 non-polymer 'MAGNESIUM ION'
4 water water
#
_entity_poly.entity_id   1
_entity_poly.type   'polypeptide(L)'
_entity_poly.pdbx_seq_one_letter_code
;MPVKVCLIFAGGTGMNVATKLVDLGEAVHCFDTCDKNVVDVHRSVNVTLTKGTRGAGGNRKVILPLVRPQIPALMDTIPE
ADFYIVCYSLGGGSGSVLGPLITGQLADRKASFVSFVVGAMESTDNLGNDIDTMKTLEAIAVNKHLPIVVNYVPNTQGRS
YESINDEIAEKIRKVVLLVNQNHGRLDVHDVANWVRFTDKHNYLIPQVCELHIETTRKDAENVPEAISQLSLYLDPSKEV
AFGTPIYRKVGIMKVDDLDVTDDQIHFVINSVGVVEIMKTITDSKLEMTRQQSKFTQRNPIIDADDNVDEDGMVV
;
_entity_poly.pdbx_strand_id   A
#
loop_
_chem_comp.id
_chem_comp.type
_chem_comp.name
_chem_comp.formula
GDP RNA linking GUANOSINE-5'-DIPHOSPHATE 'C10 H15 N5 O11 P2'
MG non-polymer 'MAGNESIUM ION' 'Mg 2'
#
# COMPACT_ATOMS: atom_id res chain seq x y z
N PRO A 2 -12.63 -6.86 -19.77
CA PRO A 2 -11.98 -6.30 -18.57
C PRO A 2 -12.34 -4.83 -18.38
N VAL A 3 -12.44 -4.39 -17.14
CA VAL A 3 -12.66 -2.97 -16.84
C VAL A 3 -11.33 -2.23 -16.94
N LYS A 4 -11.36 -0.90 -16.95
CA LYS A 4 -10.14 -0.11 -17.09
C LYS A 4 -9.25 -0.28 -15.86
N VAL A 5 -9.87 -0.19 -14.69
CA VAL A 5 -9.11 -0.29 -13.45
C VAL A 5 -10.01 -0.81 -12.33
N CYS A 6 -9.43 -1.67 -11.52
CA CYS A 6 -10.10 -2.17 -10.33
CA CYS A 6 -10.08 -2.19 -10.32
C CYS A 6 -9.31 -1.72 -9.10
N LEU A 7 -10.00 -1.10 -8.15
CA LEU A 7 -9.35 -0.60 -6.94
C LEU A 7 -9.68 -1.52 -5.76
N ILE A 8 -8.63 -1.95 -5.08
CA ILE A 8 -8.78 -2.91 -3.99
C ILE A 8 -8.25 -2.31 -2.68
N PHE A 9 -9.06 -2.37 -1.63
CA PHE A 9 -8.71 -1.81 -0.31
C PHE A 9 -8.85 -2.89 0.74
N ALA A 10 -7.90 -2.91 1.67
CA ALA A 10 -7.89 -3.97 2.68
C ALA A 10 -7.59 -3.43 4.06
N GLY A 11 -8.27 -3.98 5.06
CA GLY A 11 -8.04 -3.61 6.45
C GLY A 11 -8.70 -2.28 6.75
N GLY A 12 -8.63 -1.85 8.01
CA GLY A 12 -9.21 -0.58 8.42
C GLY A 12 -8.75 0.63 7.62
N THR A 13 -7.43 0.74 7.43
CA THR A 13 -6.87 1.89 6.74
C THR A 13 -7.39 1.94 5.31
N GLY A 14 -7.41 0.79 4.65
CA GLY A 14 -7.97 0.67 3.32
C GLY A 14 -9.44 1.07 3.27
N MET A 15 -10.21 0.62 4.26
CA MET A 15 -11.63 0.98 4.34
C MET A 15 -11.77 2.49 4.48
N ASN A 16 -10.92 3.09 5.30
CA ASN A 16 -10.97 4.51 5.56
C ASN A 16 -10.63 5.31 4.30
N VAL A 17 -9.60 4.88 3.57
CA VAL A 17 -9.25 5.56 2.32
C VAL A 17 -10.36 5.41 1.28
N ALA A 18 -10.95 4.22 1.22
CA ALA A 18 -12.07 3.96 0.31
C ALA A 18 -13.23 4.97 0.44
N THR A 19 -13.52 5.41 1.66
CA THR A 19 -14.65 6.32 1.86
C THR A 19 -14.48 7.60 1.02
N LYS A 20 -13.24 7.90 0.66
CA LYS A 20 -12.97 9.13 -0.08
C LYS A 20 -13.07 8.91 -1.57
N LEU A 21 -13.26 7.65 -1.96
CA LEU A 21 -13.30 7.28 -3.36
C LEU A 21 -14.60 6.58 -3.76
N VAL A 22 -15.66 6.76 -2.97
CA VAL A 22 -16.92 6.07 -3.22
C VAL A 22 -17.55 6.48 -4.55
N ASP A 23 -17.17 7.64 -5.06
CA ASP A 23 -17.69 8.09 -6.34
C ASP A 23 -17.27 7.16 -7.48
N LEU A 24 -16.25 6.32 -7.23
CA LEU A 24 -15.79 5.36 -8.23
C LEU A 24 -16.63 4.08 -8.23
N GLY A 25 -17.48 3.93 -7.23
CA GLY A 25 -18.49 2.89 -7.23
C GLY A 25 -18.05 1.45 -7.48
N GLU A 26 -18.63 0.87 -8.52
CA GLU A 26 -18.44 -0.55 -8.79
CA GLU A 26 -18.45 -0.55 -8.84
C GLU A 26 -16.98 -0.95 -8.98
N ALA A 27 -16.13 0.02 -9.32
CA ALA A 27 -14.70 -0.23 -9.55
C ALA A 27 -13.95 -0.47 -8.24
N VAL A 28 -14.57 -0.10 -7.13
CA VAL A 28 -13.95 -0.20 -5.81
C VAL A 28 -14.35 -1.49 -5.08
N HIS A 29 -13.36 -2.23 -4.59
CA HIS A 29 -13.57 -3.48 -3.88
C HIS A 29 -12.86 -3.45 -2.54
N CYS A 30 -13.61 -3.59 -1.45
CA CYS A 30 -13.05 -3.51 -0.11
C CYS A 30 -13.10 -4.86 0.59
N PHE A 31 -12.06 -5.16 1.37
CA PHE A 31 -11.99 -6.40 2.13
C PHE A 31 -11.50 -6.15 3.55
N ASP A 32 -12.11 -6.85 4.51
CA ASP A 32 -11.67 -6.78 5.89
C ASP A 32 -12.11 -8.05 6.61
N THR A 33 -11.69 -8.18 7.86
CA THR A 33 -11.96 -9.37 8.67
C THR A 33 -13.12 -9.15 9.61
N CYS A 34 -13.55 -7.90 9.76
CA CYS A 34 -14.76 -7.58 10.51
CA CYS A 34 -14.70 -7.54 10.56
C CYS A 34 -15.34 -6.29 9.96
N ASP A 35 -16.30 -5.70 10.67
CA ASP A 35 -16.99 -4.52 10.17
C ASP A 35 -16.71 -3.24 10.97
N LYS A 36 -15.62 -3.22 11.71
CA LYS A 36 -15.31 -2.09 12.59
C LYS A 36 -15.18 -0.78 11.81
N ASN A 37 -14.79 -0.89 10.54
CA ASN A 37 -14.54 0.29 9.71
C ASN A 37 -15.56 0.53 8.62
N VAL A 38 -16.60 -0.31 8.57
CA VAL A 38 -17.65 -0.14 7.58
C VAL A 38 -18.54 1.03 7.97
N VAL A 39 -18.72 1.99 7.07
CA VAL A 39 -19.67 3.09 7.30
C VAL A 39 -20.70 3.17 6.18
N ASP A 40 -21.69 4.04 6.35
N ASP A 40 -21.69 4.03 6.35
CA ASP A 40 -22.80 4.16 5.41
CA ASP A 40 -22.81 4.13 5.40
C ASP A 40 -22.34 4.30 3.95
C ASP A 40 -22.38 4.35 3.95
N VAL A 41 -21.39 5.21 3.72
CA VAL A 41 -20.97 5.52 2.35
C VAL A 41 -20.46 4.32 1.56
N HIS A 42 -20.07 3.27 2.29
CA HIS A 42 -19.55 2.06 1.66
C HIS A 42 -20.60 1.30 0.86
N ARG A 43 -21.88 1.60 1.09
N ARG A 43 -21.87 1.60 1.10
CA ARG A 43 -22.94 0.95 0.34
CA ARG A 43 -22.95 0.98 0.35
C ARG A 43 -22.83 1.27 -1.15
C ARG A 43 -22.75 1.20 -1.14
N SER A 44 -22.03 2.28 -1.49
CA SER A 44 -21.79 2.66 -2.88
C SER A 44 -20.71 1.82 -3.57
N VAL A 45 -20.02 0.98 -2.80
CA VAL A 45 -18.94 0.17 -3.36
C VAL A 45 -19.07 -1.29 -2.91
N ASN A 46 -18.16 -2.13 -3.38
CA ASN A 46 -18.15 -3.53 -2.95
C ASN A 46 -17.46 -3.70 -1.60
N VAL A 47 -18.10 -4.44 -0.70
CA VAL A 47 -17.49 -4.76 0.58
C VAL A 47 -17.65 -6.24 0.87
N THR A 48 -16.53 -6.90 1.14
CA THR A 48 -16.55 -8.32 1.47
C THR A 48 -15.77 -8.57 2.76
N LEU A 49 -16.43 -9.19 3.73
CA LEU A 49 -15.80 -9.51 5.02
C LEU A 49 -15.56 -11.01 5.12
N THR A 50 -14.34 -11.38 5.50
CA THR A 50 -13.98 -12.79 5.65
C THR A 50 -14.78 -13.44 6.79
N LYS A 51 -14.94 -14.75 6.69
CA LYS A 51 -15.71 -15.51 7.65
C LYS A 51 -14.85 -16.02 8.81
N GLY A 52 -15.43 -16.12 9.99
CA GLY A 52 -14.77 -16.66 11.15
C GLY A 52 -13.58 -15.88 11.67
N THR A 53 -13.55 -14.58 11.39
CA THR A 53 -12.38 -13.76 11.75
C THR A 53 -12.70 -12.60 12.69
N ARG A 54 -13.90 -12.57 13.25
CA ARG A 54 -14.26 -11.50 14.19
C ARG A 54 -13.38 -11.58 15.45
N GLY A 58 -4.92 -7.50 14.73
CA GLY A 58 -3.62 -6.87 14.87
C GLY A 58 -2.44 -7.83 14.77
N ASN A 59 -2.71 -9.12 14.96
CA ASN A 59 -1.66 -10.13 14.90
C ASN A 59 -1.76 -10.87 13.56
N ARG A 60 -0.77 -10.64 12.70
CA ARG A 60 -0.81 -11.15 11.34
C ARG A 60 -0.64 -12.65 11.31
N LYS A 61 0.15 -13.19 12.24
CA LYS A 61 0.42 -14.62 12.30
C LYS A 61 -0.85 -15.40 12.66
N VAL A 62 -1.71 -14.75 13.44
CA VAL A 62 -2.99 -15.31 13.83
C VAL A 62 -4.00 -15.22 12.70
N ILE A 63 -4.01 -14.08 12.01
CA ILE A 63 -5.00 -13.84 10.97
C ILE A 63 -4.74 -14.65 9.70
N LEU A 64 -3.47 -14.83 9.36
CA LEU A 64 -3.11 -15.52 8.11
C LEU A 64 -3.73 -16.91 7.89
N PRO A 65 -3.62 -17.84 8.87
CA PRO A 65 -4.17 -19.17 8.60
C PRO A 65 -5.69 -19.16 8.47
N LEU A 66 -6.34 -18.17 9.07
CA LEU A 66 -7.80 -18.05 8.98
C LEU A 66 -8.25 -17.55 7.61
N VAL A 67 -7.50 -16.60 7.05
CA VAL A 67 -7.95 -15.95 5.82
C VAL A 67 -7.41 -16.62 4.55
N ARG A 68 -6.26 -17.26 4.66
CA ARG A 68 -5.64 -17.87 3.48
C ARG A 68 -6.58 -18.77 2.67
N PRO A 69 -7.31 -19.67 3.32
CA PRO A 69 -8.15 -20.57 2.51
C PRO A 69 -9.32 -19.84 1.83
N GLN A 70 -9.59 -18.61 2.24
CA GLN A 70 -10.70 -17.83 1.70
C GLN A 70 -10.32 -16.95 0.52
N ILE A 71 -9.03 -16.82 0.28
CA ILE A 71 -8.54 -15.95 -0.79
C ILE A 71 -9.16 -16.28 -2.16
N PRO A 72 -9.17 -17.56 -2.54
CA PRO A 72 -9.77 -17.87 -3.85
C PRO A 72 -11.19 -17.33 -3.96
N ALA A 73 -11.96 -17.47 -2.89
CA ALA A 73 -13.32 -16.93 -2.86
C ALA A 73 -13.32 -15.40 -3.02
N LEU A 74 -12.37 -14.72 -2.40
CA LEU A 74 -12.28 -13.27 -2.53
C LEU A 74 -11.94 -12.87 -3.95
N MET A 75 -11.05 -13.64 -4.58
CA MET A 75 -10.56 -13.32 -5.91
C MET A 75 -11.66 -13.44 -6.97
N ASP A 76 -12.61 -14.34 -6.74
CA ASP A 76 -13.72 -14.50 -7.68
C ASP A 76 -14.62 -13.27 -7.74
N THR A 77 -14.58 -12.45 -6.69
CA THR A 77 -15.37 -11.22 -6.68
C THR A 77 -14.62 -10.06 -7.33
N ILE A 78 -13.37 -10.29 -7.74
CA ILE A 78 -12.58 -9.20 -8.33
C ILE A 78 -12.49 -9.41 -9.83
N PRO A 79 -13.16 -8.55 -10.60
CA PRO A 79 -13.21 -8.70 -12.06
C PRO A 79 -11.84 -8.62 -12.69
N GLU A 80 -11.69 -9.19 -13.88
CA GLU A 80 -10.49 -8.97 -14.68
C GLU A 80 -10.43 -7.51 -15.06
N ALA A 81 -9.27 -6.90 -14.87
CA ALA A 81 -9.09 -5.49 -15.25
C ALA A 81 -7.75 -5.25 -15.91
N ASP A 82 -7.67 -4.17 -16.68
CA ASP A 82 -6.44 -3.78 -17.34
C ASP A 82 -5.39 -3.23 -16.37
N PHE A 83 -5.83 -2.78 -15.21
CA PHE A 83 -4.91 -2.27 -14.20
C PHE A 83 -5.56 -2.39 -12.84
N TYR A 84 -4.75 -2.57 -11.80
CA TYR A 84 -5.32 -2.61 -10.44
C TYR A 84 -4.58 -1.65 -9.52
N ILE A 85 -5.28 -1.17 -8.50
CA ILE A 85 -4.64 -0.40 -7.46
C ILE A 85 -4.97 -1.09 -6.14
N VAL A 86 -3.96 -1.35 -5.32
CA VAL A 86 -4.19 -2.00 -4.01
C VAL A 86 -3.78 -1.06 -2.88
N CYS A 87 -4.55 -1.03 -1.80
CA CYS A 87 -4.29 -0.06 -0.75
C CYS A 87 -4.57 -0.60 0.65
N TYR A 88 -3.58 -0.48 1.54
CA TYR A 88 -3.72 -0.99 2.89
C TYR A 88 -2.60 -0.48 3.78
N SER A 89 -2.77 -0.64 5.10
CA SER A 89 -1.70 -0.35 6.04
C SER A 89 -0.73 -1.52 6.19
N LEU A 90 0.57 -1.22 6.26
CA LEU A 90 1.58 -2.24 6.50
C LEU A 90 1.60 -2.67 7.96
N GLY A 91 0.96 -1.89 8.83
CA GLY A 91 1.20 -2.05 10.26
C GLY A 91 0.14 -2.74 11.11
N GLY A 92 -1.01 -3.05 10.53
CA GLY A 92 -2.06 -3.75 11.25
C GLY A 92 -1.98 -5.25 11.00
N GLY A 93 -3.08 -5.95 11.28
CA GLY A 93 -3.10 -7.40 11.19
C GLY A 93 -3.87 -7.92 9.99
N SER A 94 -4.86 -7.15 9.53
CA SER A 94 -5.77 -7.63 8.48
C SER A 94 -5.42 -7.12 7.09
N GLY A 95 -5.27 -5.80 6.95
CA GLY A 95 -4.87 -5.22 5.68
C GLY A 95 -3.53 -5.75 5.24
N SER A 96 -2.60 -5.89 6.17
CA SER A 96 -1.23 -6.29 5.84
C SER A 96 -1.11 -7.79 5.54
N VAL A 97 -2.23 -8.50 5.64
CA VAL A 97 -2.32 -9.91 5.27
C VAL A 97 -3.19 -10.09 4.04
N LEU A 98 -4.42 -9.56 4.07
CA LEU A 98 -5.27 -9.60 2.90
C LEU A 98 -4.64 -8.90 1.69
N GLY A 99 -4.05 -7.73 1.92
CA GLY A 99 -3.46 -6.92 0.85
C GLY A 99 -2.41 -7.72 0.07
N PRO A 100 -1.38 -8.21 0.77
CA PRO A 100 -0.36 -8.99 0.06
C PRO A 100 -0.85 -10.33 -0.51
N LEU A 101 -1.78 -11.01 0.14
CA LEU A 101 -2.32 -12.25 -0.46
C LEU A 101 -2.99 -11.94 -1.78
N ILE A 102 -3.83 -10.91 -1.81
CA ILE A 102 -4.52 -10.54 -3.05
C ILE A 102 -3.50 -10.11 -4.10
N THR A 103 -2.45 -9.42 -3.64
CA THR A 103 -1.38 -8.95 -4.52
C THR A 103 -0.70 -10.15 -5.19
N GLY A 104 -0.39 -11.18 -4.41
CA GLY A 104 0.13 -12.41 -4.96
C GLY A 104 -0.76 -12.98 -6.04
N GLN A 105 -2.07 -12.96 -5.80
CA GLN A 105 -3.03 -13.46 -6.79
C GLN A 105 -3.03 -12.60 -8.06
N LEU A 106 -2.89 -11.29 -7.89
CA LEU A 106 -2.82 -10.40 -9.05
C LEU A 106 -1.56 -10.70 -9.86
N ALA A 107 -0.45 -10.97 -9.19
CA ALA A 107 0.76 -11.37 -9.90
C ALA A 107 0.50 -12.64 -10.72
N ASP A 108 -0.22 -13.61 -10.15
CA ASP A 108 -0.54 -14.83 -10.88
C ASP A 108 -1.40 -14.56 -12.13
N ARG A 109 -2.22 -13.49 -12.08
CA ARG A 109 -3.01 -13.07 -13.25
C ARG A 109 -2.14 -12.39 -14.31
N LYS A 110 -0.85 -12.23 -14.01
CA LYS A 110 0.07 -11.47 -14.88
C LYS A 110 -0.39 -10.02 -15.02
N ALA A 111 -1.00 -9.50 -13.96
CA ALA A 111 -1.54 -8.15 -13.95
C ALA A 111 -0.54 -6.99 -13.81
N SER A 112 -0.97 -5.84 -14.28
CA SER A 112 -0.28 -4.57 -14.05
C SER A 112 -0.97 -3.86 -12.89
N PHE A 113 -0.21 -3.50 -11.87
CA PHE A 113 -0.82 -2.87 -10.71
C PHE A 113 0.22 -2.12 -9.89
N VAL A 114 -0.26 -1.17 -9.10
CA VAL A 114 0.56 -0.52 -8.07
C VAL A 114 -0.18 -0.54 -6.74
N SER A 115 0.56 -0.36 -5.65
CA SER A 115 -0.07 -0.36 -4.33
C SER A 115 0.21 0.94 -3.60
N PHE A 116 -0.69 1.32 -2.71
CA PHE A 116 -0.48 2.44 -1.82
C PHE A 116 -0.48 1.90 -0.40
N VAL A 117 0.66 1.98 0.28
CA VAL A 117 0.80 1.31 1.58
C VAL A 117 1.23 2.32 2.64
N VAL A 118 0.71 2.15 3.85
CA VAL A 118 0.97 3.11 4.91
C VAL A 118 1.95 2.54 5.93
N GLY A 119 2.97 3.32 6.27
CA GLY A 119 3.90 2.94 7.32
C GLY A 119 3.37 3.41 8.67
N ALA A 120 2.83 2.49 9.45
CA ALA A 120 2.22 2.83 10.73
C ALA A 120 3.30 2.93 11.80
N MET A 121 3.15 3.88 12.72
CA MET A 121 4.29 4.24 13.56
C MET A 121 3.97 4.29 15.05
N GLU A 122 2.76 3.89 15.44
CA GLU A 122 2.32 4.05 16.83
C GLU A 122 3.13 3.29 17.87
N SER A 123 3.52 2.06 17.54
CA SER A 123 3.96 1.11 18.55
C SER A 123 5.00 0.16 17.97
N THR A 124 5.67 -0.62 18.81
CA THR A 124 6.60 -1.60 18.26
C THR A 124 5.85 -2.69 17.49
N ASP A 125 4.58 -2.93 17.83
CA ASP A 125 3.76 -3.86 17.05
C ASP A 125 3.56 -3.36 15.61
N ASN A 126 3.17 -2.10 15.47
CA ASN A 126 3.03 -1.48 14.15
C ASN A 126 4.35 -1.60 13.38
N LEU A 127 5.45 -1.26 14.04
CA LEU A 127 6.74 -1.19 13.36
C LEU A 127 7.20 -2.57 12.95
N GLY A 128 7.01 -3.55 13.82
CA GLY A 128 7.30 -4.93 13.47
C GLY A 128 6.46 -5.40 12.30
N ASN A 129 5.18 -5.05 12.30
CA ASN A 129 4.32 -5.41 11.20
C ASN A 129 4.76 -4.76 9.90
N ASP A 130 5.17 -3.49 9.99
CA ASP A 130 5.62 -2.74 8.80
C ASP A 130 6.77 -3.50 8.16
N ILE A 131 7.74 -3.90 8.99
CA ILE A 131 8.91 -4.63 8.52
CA ILE A 131 8.91 -4.62 8.50
C ILE A 131 8.52 -5.96 7.87
N ASP A 132 7.72 -6.76 8.56
CA ASP A 132 7.35 -8.07 8.04
C ASP A 132 6.52 -7.94 6.75
N THR A 133 5.69 -6.91 6.65
CA THR A 133 4.89 -6.73 5.44
C THR A 133 5.73 -6.26 4.25
N MET A 134 6.69 -5.38 4.50
CA MET A 134 7.61 -4.98 3.42
C MET A 134 8.40 -6.22 2.96
N LYS A 135 8.88 -7.02 3.91
CA LYS A 135 9.58 -8.26 3.58
C LYS A 135 8.68 -9.21 2.78
N THR A 136 7.42 -9.32 3.20
CA THR A 136 6.42 -10.07 2.44
C THR A 136 6.36 -9.63 0.98
N LEU A 137 6.28 -8.32 0.76
CA LEU A 137 6.19 -7.82 -0.61
C LEU A 137 7.47 -8.15 -1.38
N GLU A 138 8.60 -8.10 -0.70
CA GLU A 138 9.88 -8.44 -1.35
C GLU A 138 9.86 -9.92 -1.73
N ALA A 139 9.39 -10.77 -0.83
CA ALA A 139 9.35 -12.21 -1.10
C ALA A 139 8.45 -12.48 -2.29
N ILE A 140 7.31 -11.79 -2.34
CA ILE A 140 6.40 -11.94 -3.46
C ILE A 140 7.05 -11.49 -4.77
N ALA A 141 7.73 -10.35 -4.74
CA ALA A 141 8.43 -9.85 -5.93
C ALA A 141 9.37 -10.92 -6.47
N VAL A 142 10.16 -11.52 -5.57
CA VAL A 142 11.05 -12.63 -5.94
C VAL A 142 10.33 -13.89 -6.44
N ASN A 143 9.36 -14.38 -5.66
CA ASN A 143 8.67 -15.62 -6.00
C ASN A 143 7.90 -15.52 -7.33
N LYS A 144 7.32 -14.35 -7.59
CA LYS A 144 6.51 -14.18 -8.80
C LYS A 144 7.32 -13.55 -9.92
N HIS A 145 8.57 -13.23 -9.62
CA HIS A 145 9.47 -12.55 -10.55
C HIS A 145 8.78 -11.34 -11.16
N LEU A 146 8.42 -10.37 -10.34
CA LEU A 146 7.68 -9.22 -10.81
C LEU A 146 7.99 -8.08 -9.87
N PRO A 147 8.17 -6.86 -10.41
CA PRO A 147 8.34 -5.72 -9.47
C PRO A 147 7.04 -5.52 -8.70
N ILE A 148 7.18 -5.28 -7.39
CA ILE A 148 6.02 -4.94 -6.60
C ILE A 148 6.15 -3.47 -6.25
N VAL A 149 5.36 -2.66 -6.94
CA VAL A 149 5.59 -1.22 -7.00
C VAL A 149 4.63 -0.55 -6.04
N VAL A 150 5.18 0.16 -5.07
CA VAL A 150 4.36 0.75 -4.02
C VAL A 150 4.67 2.22 -3.80
N ASN A 151 3.62 2.99 -3.54
CA ASN A 151 3.77 4.33 -3.06
C ASN A 151 3.69 4.22 -1.55
N TYR A 152 4.80 4.52 -0.90
CA TYR A 152 4.93 4.34 0.55
C TYR A 152 4.64 5.65 1.26
N VAL A 153 3.72 5.62 2.23
CA VAL A 153 3.34 6.82 2.94
C VAL A 153 3.46 6.57 4.43
N PRO A 154 4.47 7.17 5.06
CA PRO A 154 4.68 6.99 6.50
C PRO A 154 3.74 7.89 7.28
N ASN A 155 3.16 7.37 8.36
CA ASN A 155 2.40 8.19 9.28
C ASN A 155 3.35 9.02 10.13
N THR A 156 3.73 10.18 9.61
CA THR A 156 4.70 11.04 10.27
C THR A 156 4.09 11.63 11.54
N GLN A 157 4.88 11.68 12.60
N GLN A 157 4.90 11.67 12.60
CA GLN A 157 4.39 12.17 13.89
CA GLN A 157 4.45 12.17 13.89
C GLN A 157 3.68 13.53 13.78
C GLN A 157 3.77 13.53 13.77
N GLY A 158 2.51 13.63 14.39
N GLY A 158 2.55 13.62 14.28
CA GLY A 158 1.79 14.88 14.46
CA GLY A 158 1.78 14.86 14.23
C GLY A 158 0.79 15.10 13.34
C GLY A 158 0.63 14.80 13.25
N ARG A 159 0.85 14.26 12.30
N ARG A 159 0.94 14.48 12.00
CA ARG A 159 -0.05 14.42 11.17
CA ARG A 159 -0.08 14.45 10.95
C ARG A 159 -1.28 13.53 11.34
C ARG A 159 -1.26 13.56 11.30
N SER A 160 -2.46 14.09 11.10
CA SER A 160 -3.69 13.33 11.30
C SER A 160 -3.82 12.23 10.26
N TYR A 161 -4.47 11.14 10.64
CA TYR A 161 -4.74 10.06 9.68
C TYR A 161 -5.66 10.59 8.58
N GLU A 162 -6.49 11.55 8.93
CA GLU A 162 -7.38 12.18 7.97
C GLU A 162 -6.56 12.85 6.85
N SER A 163 -5.55 13.61 7.25
CA SER A 163 -4.67 14.29 6.30
C SER A 163 -3.95 13.28 5.41
N ILE A 164 -3.39 12.25 6.03
CA ILE A 164 -2.66 11.25 5.27
C ILE A 164 -3.59 10.54 4.29
N ASN A 165 -4.79 10.20 4.75
CA ASN A 165 -5.76 9.51 3.90
C ASN A 165 -6.15 10.37 2.70
N ASP A 166 -6.33 11.66 2.95
CA ASP A 166 -6.66 12.60 1.87
C ASP A 166 -5.56 12.60 0.80
N GLU A 167 -4.31 12.63 1.25
CA GLU A 167 -3.19 12.63 0.32
C GLU A 167 -3.18 11.35 -0.51
N ILE A 168 -3.48 10.23 0.14
CA ILE A 168 -3.45 8.97 -0.58
C ILE A 168 -4.55 8.94 -1.63
N ALA A 169 -5.75 9.36 -1.26
CA ALA A 169 -6.85 9.36 -2.21
C ALA A 169 -6.53 10.24 -3.43
N GLU A 170 -5.89 11.37 -3.17
N GLU A 170 -5.88 11.36 -3.20
CA GLU A 170 -5.51 12.29 -4.26
CA GLU A 170 -5.56 12.27 -4.31
C GLU A 170 -4.59 11.57 -5.23
C GLU A 170 -4.52 11.65 -5.24
N LYS A 171 -3.59 10.88 -4.68
CA LYS A 171 -2.63 10.15 -5.50
C LYS A 171 -3.28 9.04 -6.28
N ILE A 172 -4.21 8.32 -5.64
CA ILE A 172 -4.93 7.26 -6.31
C ILE A 172 -5.69 7.79 -7.52
N ARG A 173 -6.33 8.95 -7.36
CA ARG A 173 -7.00 9.60 -8.48
C ARG A 173 -6.06 9.91 -9.65
N LYS A 174 -4.82 10.28 -9.35
CA LYS A 174 -3.86 10.54 -10.43
C LYS A 174 -3.56 9.24 -11.17
N VAL A 175 -3.48 8.12 -10.44
CA VAL A 175 -3.24 6.84 -11.10
C VAL A 175 -4.48 6.42 -11.89
N VAL A 176 -5.67 6.67 -11.35
CA VAL A 176 -6.90 6.35 -12.08
C VAL A 176 -6.93 7.14 -13.36
N LEU A 177 -6.47 8.39 -13.29
CA LEU A 177 -6.39 9.26 -14.47
C LEU A 177 -5.38 8.68 -15.47
N LEU A 178 -4.19 8.37 -14.96
CA LEU A 178 -3.13 7.78 -15.78
C LEU A 178 -3.63 6.63 -16.63
N VAL A 179 -4.38 5.70 -16.02
CA VAL A 179 -4.79 4.47 -16.70
C VAL A 179 -6.20 4.53 -17.31
N ASN A 180 -6.71 5.75 -17.53
CA ASN A 180 -8.04 5.92 -18.10
C ASN A 180 -8.14 5.71 -19.63
N GLN A 181 -7.00 5.44 -20.26
CA GLN A 181 -6.93 5.01 -21.67
C GLN A 181 -7.38 6.08 -22.66
N ASN A 182 -7.40 7.32 -22.20
CA ASN A 182 -7.89 8.43 -23.01
C ASN A 182 -6.79 9.41 -23.42
N HIS A 183 -5.54 9.02 -23.22
CA HIS A 183 -4.42 9.91 -23.53
C HIS A 183 -3.78 9.58 -24.87
N GLY A 184 -3.38 10.61 -25.61
CA GLY A 184 -2.69 10.40 -26.85
C GLY A 184 -1.36 9.71 -26.63
N ARG A 185 -1.02 8.78 -27.53
CA ARG A 185 0.27 8.10 -27.52
C ARG A 185 0.41 7.01 -26.44
N LEU A 186 -0.54 6.93 -25.53
CA LEU A 186 -0.41 6.01 -24.39
C LEU A 186 -1.34 4.80 -24.47
N ASP A 187 -0.72 3.63 -24.53
N ASP A 187 -0.75 3.61 -24.60
CA ASP A 187 -1.36 2.34 -24.72
CA ASP A 187 -1.55 2.39 -24.75
C ASP A 187 -1.60 1.62 -23.39
C ASP A 187 -1.53 1.56 -23.47
N VAL A 188 -2.45 0.61 -23.39
CA VAL A 188 -2.53 -0.28 -22.24
C VAL A 188 -1.22 -1.04 -22.11
N HIS A 189 -0.60 -1.33 -23.25
CA HIS A 189 0.67 -2.04 -23.26
C HIS A 189 1.81 -1.16 -22.75
N ASP A 190 1.71 0.14 -23.00
CA ASP A 190 2.70 1.09 -22.50
C ASP A 190 2.68 1.10 -20.97
N VAL A 191 1.48 1.17 -20.40
CA VAL A 191 1.33 1.13 -18.94
C VAL A 191 1.85 -0.20 -18.37
N ALA A 192 1.47 -1.31 -19.00
CA ALA A 192 1.92 -2.63 -18.53
C ALA A 192 3.43 -2.71 -18.51
N ASN A 193 4.09 -2.26 -19.58
CA ASN A 193 5.53 -2.35 -19.64
C ASN A 193 6.27 -1.33 -18.79
N TRP A 194 5.56 -0.31 -18.34
CA TRP A 194 6.11 0.63 -17.37
C TRP A 194 6.23 -0.03 -16.00
N VAL A 195 5.15 -0.66 -15.55
CA VAL A 195 5.12 -1.17 -14.18
C VAL A 195 5.66 -2.60 -14.06
N ARG A 196 5.49 -3.40 -15.13
CA ARG A 196 6.06 -4.74 -15.21
C ARG A 196 7.38 -4.69 -16.00
N PHE A 197 8.28 -3.80 -15.59
CA PHE A 197 9.46 -3.50 -16.42
C PHE A 197 10.42 -4.68 -16.59
N THR A 198 10.41 -5.63 -15.67
CA THR A 198 11.26 -6.83 -15.82
C THR A 198 10.81 -7.77 -16.93
N ASP A 199 9.60 -7.59 -17.46
CA ASP A 199 9.12 -8.49 -18.51
C ASP A 199 10.00 -8.38 -19.75
N LYS A 200 10.36 -7.15 -20.11
CA LYS A 200 11.18 -6.91 -21.30
C LYS A 200 12.63 -6.58 -20.97
N HIS A 201 12.89 -6.15 -19.74
CA HIS A 201 14.24 -5.88 -19.27
C HIS A 201 14.66 -6.97 -18.29
N ASN A 202 14.98 -8.13 -18.84
N ASN A 202 14.98 -8.12 -18.85
CA ASN A 202 15.23 -9.33 -18.05
CA ASN A 202 15.25 -9.34 -18.09
C ASN A 202 16.56 -9.35 -17.30
C ASN A 202 16.51 -9.30 -17.24
N TYR A 203 17.38 -8.32 -17.49
CA TYR A 203 18.63 -8.19 -16.74
C TYR A 203 18.38 -7.45 -15.41
N LEU A 204 17.17 -6.89 -15.24
CA LEU A 204 16.81 -6.22 -13.99
C LEU A 204 16.24 -7.20 -12.97
N ILE A 205 16.36 -6.84 -11.70
CA ILE A 205 15.96 -7.70 -10.59
C ILE A 205 14.59 -7.28 -10.10
N PRO A 206 13.62 -8.22 -10.06
CA PRO A 206 12.31 -7.89 -9.50
C PRO A 206 12.40 -7.78 -7.98
N GLN A 207 11.82 -6.72 -7.42
CA GLN A 207 11.93 -6.47 -5.99
C GLN A 207 10.90 -5.40 -5.65
N VAL A 208 10.77 -5.06 -4.37
CA VAL A 208 9.90 -3.96 -3.99
C VAL A 208 10.49 -2.66 -4.53
N CYS A 209 9.67 -1.90 -5.27
CA CYS A 209 10.04 -0.62 -5.84
C CYS A 209 9.11 0.44 -5.29
N GLU A 210 9.55 1.70 -5.33
CA GLU A 210 8.67 2.80 -4.98
C GLU A 210 8.12 3.49 -6.20
N LEU A 211 6.88 3.95 -6.09
CA LEU A 211 6.25 4.79 -7.08
C LEU A 211 6.27 6.21 -6.54
N HIS A 212 6.77 7.13 -7.35
CA HIS A 212 6.80 8.54 -6.97
C HIS A 212 5.91 9.27 -7.95
N ILE A 213 5.01 10.09 -7.43
CA ILE A 213 4.04 10.77 -8.28
C ILE A 213 4.26 12.27 -8.14
N GLU A 214 4.82 12.90 -9.18
CA GLU A 214 5.27 14.27 -9.06
C GLU A 214 4.58 15.12 -10.11
N THR A 215 4.43 16.41 -9.81
CA THR A 215 3.76 17.30 -10.73
C THR A 215 4.68 18.36 -11.35
N THR A 216 5.99 18.19 -11.18
CA THR A 216 6.96 19.05 -11.85
C THR A 216 8.10 18.22 -12.44
N ARG A 217 8.78 18.79 -13.42
CA ARG A 217 9.95 18.12 -13.98
C ARG A 217 11.02 18.02 -12.90
N LYS A 218 11.20 19.10 -12.15
CA LYS A 218 12.26 19.22 -11.16
C LYS A 218 12.17 18.12 -10.08
N ASP A 219 10.97 17.93 -9.54
CA ASP A 219 10.73 16.92 -8.53
C ASP A 219 10.95 15.52 -9.10
N ALA A 220 10.51 15.32 -10.35
CA ALA A 220 10.63 13.99 -10.96
C ALA A 220 12.08 13.66 -11.25
N GLU A 221 12.85 14.67 -11.69
CA GLU A 221 14.29 14.50 -11.96
C GLU A 221 15.05 14.20 -10.69
N ASN A 222 14.52 14.61 -9.55
CA ASN A 222 15.20 14.37 -8.30
C ASN A 222 14.96 12.98 -7.69
N VAL A 223 14.14 12.15 -8.35
CA VAL A 223 13.98 10.76 -7.90
C VAL A 223 15.29 10.03 -8.19
N PRO A 224 15.94 9.49 -7.16
CA PRO A 224 17.26 8.88 -7.40
C PRO A 224 17.17 7.53 -8.12
N GLU A 225 18.13 7.28 -9.02
CA GLU A 225 18.22 6.02 -9.73
C GLU A 225 16.89 5.56 -10.32
N ALA A 226 16.26 6.41 -11.11
CA ALA A 226 14.95 6.09 -11.67
C ALA A 226 15.08 4.89 -12.60
N ILE A 227 14.16 3.95 -12.48
CA ILE A 227 14.14 2.78 -13.36
C ILE A 227 13.18 2.94 -14.53
N SER A 228 11.96 3.35 -14.25
CA SER A 228 10.90 3.33 -15.26
C SER A 228 9.98 4.54 -15.05
N GLN A 229 9.72 5.29 -16.11
CA GLN A 229 9.12 6.61 -15.98
C GLN A 229 7.95 6.75 -16.95
N LEU A 230 6.84 7.30 -16.47
CA LEU A 230 5.73 7.65 -17.34
C LEU A 230 5.35 9.11 -17.09
N SER A 231 5.30 9.92 -18.14
CA SER A 231 4.95 11.34 -18.00
C SER A 231 3.68 11.69 -18.76
N LEU A 232 2.78 12.43 -18.11
CA LEU A 232 1.60 12.96 -18.79
C LEU A 232 1.73 14.47 -18.94
N TYR A 233 1.40 14.99 -20.12
CA TYR A 233 1.45 16.42 -20.35
C TYR A 233 0.15 16.92 -20.97
N LEU A 234 -0.36 18.04 -20.45
CA LEU A 234 -1.51 18.70 -21.07
C LEU A 234 -1.05 19.59 -22.21
N ASP A 235 0.06 20.28 -22.00
CA ASP A 235 0.67 21.13 -23.02
C ASP A 235 1.80 20.35 -23.64
N PRO A 236 1.60 19.83 -24.86
CA PRO A 236 2.64 19.00 -25.47
C PRO A 236 3.91 19.77 -25.78
N SER A 237 3.84 21.11 -25.72
CA SER A 237 5.03 21.93 -25.94
C SER A 237 6.02 21.81 -24.78
N LYS A 238 5.54 21.34 -23.63
CA LYS A 238 6.37 21.26 -22.43
C LYS A 238 7.09 19.92 -22.26
N GLU A 239 6.91 19.01 -23.22
CA GLU A 239 7.52 17.70 -23.11
C GLU A 239 9.04 17.78 -23.18
N VAL A 240 9.70 17.31 -22.14
CA VAL A 240 11.15 17.27 -22.09
C VAL A 240 11.62 15.88 -21.66
N ALA A 241 12.45 15.25 -22.47
CA ALA A 241 12.96 13.91 -22.16
C ALA A 241 14.06 13.99 -21.13
N PHE A 242 13.68 14.12 -19.86
CA PHE A 242 14.64 14.32 -18.78
C PHE A 242 14.93 13.01 -18.05
N GLY A 243 15.92 13.05 -17.17
CA GLY A 243 16.26 11.89 -16.35
C GLY A 243 17.03 10.82 -17.09
N THR A 244 17.35 9.73 -16.37
CA THR A 244 18.09 8.60 -16.92
C THR A 244 17.40 7.23 -16.69
N PRO A 245 16.05 7.19 -16.79
CA PRO A 245 15.43 5.89 -16.57
C PRO A 245 15.73 4.92 -17.70
N ILE A 246 15.59 3.62 -17.41
CA ILE A 246 15.76 2.57 -18.38
C ILE A 246 14.57 2.53 -19.34
N TYR A 247 13.39 2.85 -18.82
CA TYR A 247 12.17 2.84 -19.63
C TYR A 247 11.48 4.18 -19.44
N ARG A 248 11.01 4.77 -20.53
CA ARG A 248 10.39 6.09 -20.51
CA ARG A 248 10.32 6.04 -20.45
C ARG A 248 9.25 6.14 -21.51
N LYS A 249 8.09 6.67 -21.11
CA LYS A 249 6.96 6.87 -22.02
C LYS A 249 6.22 8.16 -21.69
N VAL A 250 5.60 8.75 -22.71
CA VAL A 250 4.84 9.98 -22.53
C VAL A 250 3.42 9.86 -23.10
N GLY A 251 2.45 10.41 -22.37
CA GLY A 251 1.09 10.51 -22.87
C GLY A 251 0.62 11.96 -22.90
N ILE A 252 -0.23 12.30 -23.85
CA ILE A 252 -0.77 13.65 -23.95
C ILE A 252 -2.20 13.70 -23.45
N MET A 253 -2.42 14.47 -22.40
CA MET A 253 -3.75 14.58 -21.81
C MET A 253 -4.62 15.54 -22.59
N LYS A 254 -5.93 15.37 -22.43
CA LYS A 254 -6.88 16.16 -23.21
C LYS A 254 -7.53 17.24 -22.34
N VAL A 255 -7.55 18.47 -22.84
CA VAL A 255 -8.08 19.60 -22.06
C VAL A 255 -9.56 19.48 -21.75
N ASP A 256 -10.27 18.62 -22.48
CA ASP A 256 -11.68 18.37 -22.22
C ASP A 256 -11.89 17.15 -21.31
N ASP A 257 -10.78 16.55 -20.89
CA ASP A 257 -10.82 15.47 -19.89
C ASP A 257 -11.02 16.13 -18.53
N LEU A 258 -12.23 16.01 -17.99
CA LEU A 258 -12.58 16.67 -16.74
C LEU A 258 -11.77 16.15 -15.54
N ASP A 259 -11.17 14.97 -15.69
CA ASP A 259 -10.36 14.41 -14.61
C ASP A 259 -8.94 14.97 -14.58
N VAL A 260 -8.59 15.75 -15.58
CA VAL A 260 -7.25 16.32 -15.66
C VAL A 260 -7.07 17.43 -14.63
N THR A 261 -6.33 17.11 -13.57
CA THR A 261 -6.21 17.98 -12.41
C THR A 261 -4.97 18.87 -12.44
N ASP A 262 -3.95 18.43 -13.17
CA ASP A 262 -2.65 19.09 -13.22
C ASP A 262 -2.13 19.15 -14.66
N ASP A 263 -1.26 20.12 -14.94
CA ASP A 263 -0.73 20.33 -16.27
C ASP A 263 0.28 19.25 -16.70
N GLN A 264 1.00 18.69 -15.73
CA GLN A 264 1.88 17.56 -16.02
C GLN A 264 2.01 16.70 -14.79
N ILE A 265 2.10 15.39 -14.99
CA ILE A 265 2.20 14.43 -13.89
C ILE A 265 3.23 13.39 -14.31
N HIS A 266 4.19 13.10 -13.44
CA HIS A 266 5.23 12.11 -13.72
C HIS A 266 5.15 10.99 -12.71
N PHE A 267 5.13 9.76 -13.22
CA PHE A 267 5.01 8.58 -12.36
C PHE A 267 6.34 7.85 -12.49
N VAL A 268 7.18 7.98 -11.47
CA VAL A 268 8.56 7.49 -11.58
C VAL A 268 8.75 6.33 -10.62
N ILE A 269 9.25 5.22 -11.15
CA ILE A 269 9.50 4.04 -10.32
C ILE A 269 11.01 3.92 -10.10
N ASN A 270 11.42 3.74 -8.83
CA ASN A 270 12.81 3.40 -8.53
C ASN A 270 12.79 2.36 -7.42
N SER A 271 13.96 2.00 -6.88
CA SER A 271 13.94 1.04 -5.76
C SER A 271 15.04 1.31 -4.74
N VAL A 272 15.96 2.21 -5.04
CA VAL A 272 17.07 2.44 -4.13
C VAL A 272 16.60 3.02 -2.79
N GLY A 273 15.45 3.68 -2.79
CA GLY A 273 14.95 4.34 -1.58
C GLY A 273 14.39 3.37 -0.56
N VAL A 274 14.13 2.13 -0.97
CA VAL A 274 13.56 1.13 -0.05
C VAL A 274 14.52 0.83 1.11
N VAL A 275 15.82 0.88 0.85
CA VAL A 275 16.79 0.65 1.94
C VAL A 275 16.55 1.62 3.09
N GLU A 276 16.44 2.90 2.76
CA GLU A 276 16.23 3.93 3.77
C GLU A 276 14.87 3.80 4.46
N ILE A 277 13.85 3.42 3.70
CA ILE A 277 12.55 3.18 4.29
C ILE A 277 12.63 2.10 5.36
N MET A 278 13.31 1.00 5.04
CA MET A 278 13.47 -0.09 6.01
C MET A 278 14.30 0.35 7.21
N LYS A 279 15.35 1.10 6.94
CA LYS A 279 16.26 1.55 8.00
C LYS A 279 15.53 2.48 8.97
N THR A 280 14.68 3.35 8.44
CA THR A 280 13.98 4.30 9.29
C THR A 280 13.03 3.55 10.23
N ILE A 281 12.32 2.57 9.69
N ILE A 281 12.33 2.57 9.68
CA ILE A 281 11.41 1.73 10.47
CA ILE A 281 11.41 1.73 10.45
C ILE A 281 12.16 0.93 11.52
C ILE A 281 12.15 0.92 11.50
N THR A 282 13.25 0.28 11.12
CA THR A 282 14.02 -0.57 12.03
CA THR A 282 13.96 -0.57 12.07
C THR A 282 14.66 0.24 13.16
N ASP A 283 15.17 1.41 12.81
CA ASP A 283 15.81 2.26 13.81
C ASP A 283 14.76 2.75 14.80
N SER A 284 13.59 3.12 14.30
CA SER A 284 12.53 3.59 15.20
C SER A 284 12.14 2.47 16.16
N LYS A 285 12.01 1.25 15.62
CA LYS A 285 11.62 0.12 16.46
C LYS A 285 12.72 -0.19 17.48
N LEU A 286 13.98 -0.12 17.07
CA LEU A 286 15.09 -0.32 18.01
C LEU A 286 15.05 0.69 19.18
N GLU A 287 14.79 1.95 18.85
CA GLU A 287 14.71 2.98 19.87
C GLU A 287 13.55 2.72 20.83
N MET A 288 12.39 2.35 20.31
CA MET A 288 11.24 2.03 21.16
C MET A 288 11.52 0.82 22.03
N THR A 289 12.14 -0.21 21.43
CA THR A 289 12.43 -1.43 22.17
C THR A 289 13.51 -1.18 23.23
N ARG A 290 14.47 -0.32 22.92
CA ARG A 290 15.46 0.05 23.92
C ARG A 290 14.74 0.60 25.16
N GLN A 291 13.80 1.51 24.92
CA GLN A 291 13.06 2.10 26.04
C GLN A 291 12.28 1.06 26.82
N GLN A 292 11.62 0.15 26.12
CA GLN A 292 10.87 -0.92 26.78
C GLN A 292 11.77 -1.82 27.63
N SER A 293 12.93 -2.19 27.11
CA SER A 293 13.83 -3.08 27.84
C SER A 293 14.46 -2.39 29.05
N LYS A 294 14.61 -1.07 28.98
CA LYS A 294 15.18 -0.29 30.08
CA LYS A 294 15.18 -0.29 30.07
C LYS A 294 14.19 -0.10 31.23
N PHE A 295 12.90 -0.16 30.91
CA PHE A 295 11.88 0.06 31.91
C PHE A 295 12.01 -0.92 33.06
N THR A 296 11.95 -0.44 34.30
CA THR A 296 12.00 -1.36 35.43
C THR A 296 10.76 -1.25 36.29
N GLN A 297 10.52 -2.29 37.09
CA GLN A 297 9.38 -2.35 38.01
C GLN A 297 9.84 -2.79 39.38
N ARG A 298 9.12 -2.34 40.40
CA ARG A 298 9.39 -2.72 41.77
C ARG A 298 9.34 -4.23 42.00
N ASN A 299 10.02 -4.64 43.07
CA ASN A 299 9.90 -5.99 43.61
C ASN A 299 8.49 -6.21 44.14
N PRO A 300 8.07 -7.49 44.27
CA PRO A 300 6.74 -7.84 44.78
C PRO A 300 6.49 -7.35 46.21
N ILE A 301 5.22 -7.15 46.55
CA ILE A 301 4.89 -6.81 47.93
C ILE A 301 4.38 -8.03 48.69
N ILE A 302 4.49 -9.19 48.06
CA ILE A 302 4.26 -10.48 48.73
C ILE A 302 5.56 -11.29 48.69
N ASP A 303 5.75 -12.20 49.66
CA ASP A 303 6.93 -13.05 49.70
C ASP A 303 6.59 -14.42 50.28
N ALA A 304 7.60 -15.26 50.45
CA ALA A 304 7.37 -16.63 50.87
C ALA A 304 6.72 -16.79 52.25
N ASP A 305 6.80 -15.75 53.08
CA ASP A 305 6.20 -15.86 54.41
C ASP A 305 4.69 -15.60 54.38
N ASP A 306 4.20 -15.07 53.28
CA ASP A 306 2.77 -14.80 53.16
C ASP A 306 1.99 -16.06 52.87
N ASN A 307 0.91 -16.26 53.64
N ASN A 307 0.94 -16.29 53.65
CA ASN A 307 0.03 -17.40 53.45
CA ASN A 307 0.05 -17.42 53.42
C ASN A 307 -1.03 -17.09 52.39
C ASN A 307 -1.02 -17.09 52.39
N VAL A 308 -0.77 -17.52 51.16
CA VAL A 308 -1.69 -17.25 50.05
C VAL A 308 -2.50 -18.50 49.75
N ASP A 309 -3.82 -18.36 49.66
CA ASP A 309 -4.63 -19.51 49.31
C ASP A 309 -4.84 -19.63 47.79
N GLU A 310 -5.64 -20.63 47.41
CA GLU A 310 -5.83 -20.95 46.00
CA GLU A 310 -5.87 -20.97 46.01
C GLU A 310 -6.44 -19.82 45.17
N ASP A 311 -7.19 -18.92 45.83
CA ASP A 311 -7.81 -17.81 45.12
C ASP A 311 -6.97 -16.53 45.20
N GLY A 312 -5.82 -16.62 45.84
CA GLY A 312 -4.95 -15.47 46.00
C GLY A 312 -5.25 -14.67 47.26
N MET A 313 -6.15 -15.19 48.09
CA MET A 313 -6.50 -14.50 49.33
C MET A 313 -5.40 -14.64 50.38
N VAL A 314 -4.99 -13.52 50.94
CA VAL A 314 -4.07 -13.50 52.08
C VAL A 314 -4.89 -13.02 53.27
N VAL A 315 -5.16 -13.91 54.22
CA VAL A 315 -6.00 -13.55 55.37
C VAL A 315 -5.36 -13.94 56.71
PB GDP B . -6.00 -3.58 10.11
O1B GDP B . -7.50 -3.40 10.02
O2B GDP B . -5.48 -3.77 8.71
O3B GDP B . -5.65 -4.77 11.00
O3A GDP B . -5.34 -2.30 10.80
PA GDP B . -5.64 -0.76 10.45
O1A GDP B . -7.04 -0.33 10.84
O2A GDP B . -5.36 -0.47 8.99
O5' GDP B . -4.60 -0.06 11.40
C5' GDP B . -3.19 -0.37 11.33
C4' GDP B . -2.36 0.81 11.81
O4' GDP B . -2.43 1.86 10.82
C3' GDP B . -2.89 1.45 13.08
O3' GDP B . -2.23 0.88 14.22
C2' GDP B . -2.51 2.91 12.93
O2' GDP B . -1.16 3.12 13.30
C1' GDP B . -2.58 3.16 11.44
N9 GDP B . -3.90 3.63 10.99
C8 GDP B . -5.13 3.23 11.42
N7 GDP B . -6.11 3.85 10.72
C5 GDP B . -5.53 4.65 9.81
C6 GDP B . -5.97 5.58 8.75
O6 GDP B . -7.19 5.76 8.54
N1 GDP B . -5.03 6.20 8.03
C2 GDP B . -3.71 6.02 8.24
N2 GDP B . -2.79 6.67 7.47
N3 GDP B . -3.24 5.18 9.19
C4 GDP B . -4.08 4.48 9.98
MG MG C . -9.08 -3.70 11.54
#